data_8YSA
#
_entry.id   8YSA
#
_cell.length_a   106.334
_cell.length_b   106.334
_cell.length_c   82.170
_cell.angle_alpha   90.000
_cell.angle_beta   90.000
_cell.angle_gamma   120.000
#
_symmetry.space_group_name_H-M   'P 61 2 2'
#
loop_
_entity.id
_entity.type
_entity.pdbx_description
1 polymer '3C-like proteinase nsp5'
2 polymer BOC-TBG-PHE-ELL
3 water water
#
loop_
_entity_poly.entity_id
_entity_poly.type
_entity_poly.pdbx_seq_one_letter_code
_entity_poly.pdbx_strand_id
1 'polypeptide(L)'
;SGFRKMAFPSGKVEGCMVQVTCGTTTLNGLWLDDVVYCPRHVICTSEDMLNPNYEDLLIRKSNHNFLVQAGNVQLRVIGH
SMQNCVLKLKVDTANPKTPKYKFVRIQPGQTFSVLACYNGSPSGVYQCAMRPNFTIKGSFLNGSCGSVGFNIDYDCVSFC
YMHHMELPTGVHAGTDLEGNFYGPFVDRQTAQAAGTDTTITVNVLAWLYAAVINGDRWFLNRFTTTLNDFNLVAMKYNYE
PLTQDHVDILGPLSAQTGIAVLDMCASLKELLQNGMNGRTILGSALLEDEFTPFDVVRQCSGVTFQ
;
A
2 'polypeptide(L)' (BOC)(TBG)F(ELL) B
#
loop_
_chem_comp.id
_chem_comp.type
_chem_comp.name
_chem_comp.formula
BOC non-polymer 'TERT-BUTYL HYDROGEN CARBONATE' 'C5 H10 O3'
ELL non-polymer (2S)-2-azanyl-3-[(3S)-2-oxidanylidenepyrrolidin-3-yl]propanal 'C7 H12 N2 O2'
#
# COMPACT_ATOMS: atom_id res chain seq x y z
N SER A 1 4.36 21.67 14.12
CA SER A 1 3.14 20.87 14.23
C SER A 1 2.37 20.80 12.90
N GLY A 2 1.12 20.35 12.97
CA GLY A 2 0.40 19.94 11.80
C GLY A 2 0.61 18.45 11.52
N PHE A 3 -0.36 17.86 10.82
CA PHE A 3 -0.32 16.43 10.58
C PHE A 3 -0.96 16.13 9.24
N ARG A 4 -0.20 15.53 8.34
CA ARG A 4 -0.62 15.32 6.96
C ARG A 4 -0.34 13.88 6.54
N LYS A 5 -1.13 13.40 5.58
CA LYS A 5 -0.84 12.12 4.94
C LYS A 5 0.42 12.27 4.11
N MET A 6 1.51 11.69 4.59
CA MET A 6 2.86 11.98 4.12
C MET A 6 3.49 10.72 3.54
N ALA A 7 4.00 10.83 2.32
CA ALA A 7 4.67 9.71 1.68
C ALA A 7 6.18 9.82 1.89
N PHE A 8 6.86 8.70 1.69
CA PHE A 8 8.31 8.72 1.71
C PHE A 8 8.85 9.43 0.47
N PRO A 9 10.02 10.05 0.56
CA PRO A 9 10.65 10.59 -0.67
C PRO A 9 10.85 9.47 -1.66
N SER A 10 10.55 9.75 -2.93
CA SER A 10 10.46 8.70 -3.94
C SER A 10 11.73 8.51 -4.77
N GLY A 11 12.76 9.33 -4.56
CA GLY A 11 13.91 9.32 -5.47
C GLY A 11 14.56 7.96 -5.62
N LYS A 12 14.69 7.22 -4.50
CA LYS A 12 15.33 5.92 -4.57
C LYS A 12 14.56 4.94 -5.45
N VAL A 13 13.23 5.05 -5.46
CA VAL A 13 12.41 4.14 -6.27
C VAL A 13 12.32 4.64 -7.71
N GLU A 14 12.34 5.96 -7.91
CA GLU A 14 12.32 6.50 -9.27
C GLU A 14 13.41 5.89 -10.13
N GLY A 15 14.61 5.74 -9.57
CA GLY A 15 15.72 5.18 -10.31
C GLY A 15 15.62 3.71 -10.61
N CYS A 16 14.57 3.04 -10.13
CA CYS A 16 14.35 1.62 -10.40
C CYS A 16 13.30 1.36 -11.47
N MET A 17 12.59 2.38 -11.94
CA MET A 17 11.44 2.13 -12.79
C MET A 17 11.87 2.05 -14.24
N VAL A 18 11.36 1.04 -14.94
CA VAL A 18 11.59 0.84 -16.36
C VAL A 18 10.25 0.53 -17.01
N GLN A 19 10.25 0.54 -18.34
CA GLN A 19 9.08 0.18 -19.13
C GLN A 19 9.27 -1.23 -19.68
N VAL A 20 8.23 -2.06 -19.57
CA VAL A 20 8.23 -3.41 -20.13
C VAL A 20 7.12 -3.51 -21.17
N THR A 21 7.47 -3.98 -22.37
CA THR A 21 6.51 -4.17 -23.45
C THR A 21 6.53 -5.62 -23.90
N CYS A 22 5.35 -6.22 -24.01
CA CYS A 22 5.20 -7.56 -24.59
C CYS A 22 3.98 -7.54 -25.49
N GLY A 23 4.18 -7.80 -26.78
CA GLY A 23 3.09 -7.66 -27.72
C GLY A 23 2.61 -6.22 -27.76
N THR A 24 1.30 -6.03 -27.64
CA THR A 24 0.71 -4.71 -27.60
C THR A 24 0.48 -4.20 -26.18
N THR A 25 1.00 -4.90 -25.17
CA THR A 25 0.82 -4.51 -23.78
C THR A 25 2.09 -3.83 -23.25
N THR A 26 1.92 -2.64 -22.69
CA THR A 26 3.00 -1.86 -22.11
C THR A 26 2.66 -1.54 -20.67
N LEU A 27 3.59 -1.78 -19.76
CA LEU A 27 3.41 -1.42 -18.35
C LEU A 27 4.79 -1.15 -17.76
N ASN A 28 4.85 -1.10 -16.43
CA ASN A 28 6.09 -0.77 -15.73
C ASN A 28 6.74 -2.02 -15.15
N GLY A 29 8.06 -1.96 -15.01
CA GLY A 29 8.81 -2.95 -14.27
C GLY A 29 9.72 -2.29 -13.26
N LEU A 30 10.15 -3.11 -12.29
CA LEU A 30 11.07 -2.71 -11.24
C LEU A 30 12.43 -3.33 -11.50
N TRP A 31 13.44 -2.50 -11.74
CA TRP A 31 14.78 -2.92 -12.12
C TRP A 31 15.70 -2.86 -10.90
N LEU A 32 16.07 -4.02 -10.39
CA LEU A 32 16.95 -4.15 -9.24
C LEU A 32 18.06 -5.12 -9.63
N ASP A 33 19.32 -4.72 -9.44
CA ASP A 33 20.46 -5.54 -9.86
C ASP A 33 20.25 -5.85 -11.34
N ASP A 34 20.34 -7.10 -11.78
CA ASP A 34 20.15 -7.44 -13.19
C ASP A 34 18.80 -8.12 -13.44
N VAL A 35 17.80 -7.83 -12.61
CA VAL A 35 16.46 -8.41 -12.75
C VAL A 35 15.43 -7.31 -12.90
N VAL A 36 14.45 -7.51 -13.77
CA VAL A 36 13.29 -6.65 -13.89
C VAL A 36 12.06 -7.45 -13.50
N TYR A 37 11.31 -6.94 -12.51
CA TYR A 37 10.09 -7.56 -12.00
C TYR A 37 8.88 -6.83 -12.56
N CYS A 38 7.88 -7.59 -13.02
CA CYS A 38 6.67 -6.96 -13.55
C CYS A 38 5.52 -7.95 -13.47
N PRO A 39 4.28 -7.50 -13.60
CA PRO A 39 3.14 -8.43 -13.53
C PRO A 39 3.16 -9.42 -14.69
N ARG A 40 2.86 -10.69 -14.40
CA ARG A 40 2.90 -11.70 -15.45
C ARG A 40 1.83 -11.47 -16.49
N HIS A 41 0.84 -10.65 -16.19
CA HIS A 41 -0.19 -10.40 -17.18
C HIS A 41 0.29 -9.67 -18.41
N VAL A 42 1.50 -9.12 -18.40
CA VAL A 42 2.03 -8.47 -19.59
C VAL A 42 2.10 -9.43 -20.78
N ILE A 43 2.09 -10.75 -20.53
CA ILE A 43 2.20 -11.72 -21.62
C ILE A 43 0.85 -12.07 -22.23
N CYS A 44 -0.23 -11.50 -21.72
CA CYS A 44 -1.56 -11.74 -22.27
C CYS A 44 -1.90 -10.68 -23.31
N THR A 45 -2.61 -11.10 -24.35
CA THR A 45 -3.21 -10.16 -25.28
C THR A 45 -4.48 -9.60 -24.64
N SER A 46 -5.32 -8.92 -25.41
CA SER A 46 -6.61 -8.50 -24.88
C SER A 46 -7.45 -9.71 -24.49
N GLU A 47 -7.55 -10.69 -25.38
CA GLU A 47 -8.48 -11.80 -25.24
C GLU A 47 -7.90 -12.97 -24.44
N ASP A 48 -6.62 -12.93 -24.08
CA ASP A 48 -6.01 -14.06 -23.38
C ASP A 48 -6.55 -14.23 -21.95
N MET A 49 -7.12 -13.19 -21.34
CA MET A 49 -7.46 -13.26 -19.92
C MET A 49 -8.69 -14.12 -19.64
N LEU A 50 -9.43 -14.54 -20.66
CA LEU A 50 -10.70 -15.24 -20.41
C LEU A 50 -10.45 -16.53 -19.63
N ASN A 51 -9.44 -17.29 -20.05
CA ASN A 51 -9.02 -18.49 -19.32
C ASN A 51 -7.52 -18.64 -19.52
N PRO A 52 -6.73 -17.75 -18.92
CA PRO A 52 -5.30 -17.67 -19.24
C PRO A 52 -4.52 -18.82 -18.62
N ASN A 53 -3.88 -19.60 -19.47
CA ASN A 53 -2.90 -20.59 -19.01
C ASN A 53 -1.56 -19.89 -19.09
N TYR A 54 -1.19 -19.22 -17.99
CA TYR A 54 0.04 -18.44 -17.96
C TYR A 54 1.25 -19.31 -18.25
N GLU A 55 1.20 -20.57 -17.84
CA GLU A 55 2.30 -21.48 -18.08
C GLU A 55 2.51 -21.69 -19.58
N ASP A 56 1.42 -22.03 -20.29
CA ASP A 56 1.50 -22.20 -21.73
C ASP A 56 1.88 -20.90 -22.43
N LEU A 57 1.33 -19.78 -21.96
CA LEU A 57 1.62 -18.50 -22.60
C LEU A 57 3.09 -18.14 -22.49
N LEU A 58 3.69 -18.40 -21.33
CA LEU A 58 5.10 -18.06 -21.15
C LEU A 58 6.02 -19.03 -21.86
N ILE A 59 5.64 -20.32 -21.91
CA ILE A 59 6.43 -21.30 -22.65
C ILE A 59 6.55 -20.91 -24.12
N ARG A 60 5.51 -20.29 -24.68
CA ARG A 60 5.55 -19.88 -26.08
C ARG A 60 6.42 -18.64 -26.33
N LYS A 61 6.83 -17.94 -25.28
CA LYS A 61 7.61 -16.72 -25.46
C LYS A 61 9.10 -17.02 -25.40
N SER A 62 9.88 -16.16 -26.05
CA SER A 62 11.33 -16.15 -25.95
C SER A 62 11.79 -14.83 -25.35
N ASN A 63 13.10 -14.70 -25.13
CA ASN A 63 13.62 -13.48 -24.52
C ASN A 63 13.35 -12.25 -25.39
N HIS A 64 13.48 -12.39 -26.72
CA HIS A 64 13.34 -11.22 -27.58
C HIS A 64 11.90 -10.72 -27.67
N ASN A 65 10.93 -11.45 -27.13
CA ASN A 65 9.56 -10.97 -27.05
C ASN A 65 9.34 -9.97 -25.92
N PHE A 66 10.33 -9.77 -25.05
CA PHE A 66 10.22 -8.82 -23.95
C PHE A 66 11.13 -7.63 -24.24
N LEU A 67 10.54 -6.45 -24.36
CA LEU A 67 11.27 -5.21 -24.58
C LEU A 67 11.28 -4.39 -23.28
N VAL A 68 12.48 -4.04 -22.82
CA VAL A 68 12.67 -3.27 -21.59
C VAL A 68 13.37 -1.97 -21.95
N GLN A 69 12.78 -0.84 -21.57
CA GLN A 69 13.35 0.46 -21.86
C GLN A 69 13.57 1.22 -20.55
N ALA A 70 14.81 1.63 -20.33
CA ALA A 70 15.21 2.43 -19.16
C ALA A 70 15.54 3.82 -19.68
N GLY A 71 14.61 4.76 -19.51
CA GLY A 71 14.78 6.06 -20.12
C GLY A 71 14.79 5.92 -21.63
N ASN A 72 15.89 6.31 -22.27
CA ASN A 72 16.02 6.20 -23.71
C ASN A 72 16.67 4.90 -24.17
N VAL A 73 17.08 4.03 -23.25
CA VAL A 73 17.99 2.92 -23.55
C VAL A 73 17.22 1.60 -23.50
N GLN A 74 17.41 0.77 -24.52
CA GLN A 74 16.91 -0.60 -24.51
C GLN A 74 17.82 -1.48 -23.65
N LEU A 75 17.23 -2.23 -22.73
CA LEU A 75 17.93 -3.25 -21.97
C LEU A 75 17.66 -4.60 -22.61
N ARG A 76 18.70 -5.40 -22.80
CA ARG A 76 18.53 -6.67 -23.48
C ARG A 76 18.15 -7.74 -22.45
N VAL A 77 17.02 -8.40 -22.71
CA VAL A 77 16.55 -9.50 -21.87
C VAL A 77 17.31 -10.75 -22.25
N ILE A 78 17.95 -11.38 -21.26
CA ILE A 78 18.74 -12.59 -21.47
C ILE A 78 18.19 -13.79 -20.73
N GLY A 79 17.07 -13.64 -20.03
CA GLY A 79 16.42 -14.76 -19.38
C GLY A 79 15.07 -14.34 -18.86
N HIS A 80 14.23 -15.33 -18.61
CA HIS A 80 12.91 -15.03 -18.07
C HIS A 80 12.42 -16.22 -17.26
N SER A 81 11.66 -15.91 -16.20
CA SER A 81 11.03 -16.91 -15.36
C SER A 81 9.80 -16.29 -14.73
N MET A 82 8.97 -17.15 -14.15
CA MET A 82 7.74 -16.75 -13.48
C MET A 82 7.77 -17.21 -12.04
N GLN A 83 7.42 -16.30 -11.11
CA GLN A 83 7.27 -16.62 -9.71
C GLN A 83 5.90 -16.15 -9.26
N ASN A 84 4.98 -17.10 -9.05
CA ASN A 84 3.59 -16.76 -8.72
C ASN A 84 3.06 -15.83 -9.79
N CYS A 85 2.57 -14.64 -9.44
CA CYS A 85 1.98 -13.74 -10.43
C CYS A 85 2.95 -12.69 -10.95
N VAL A 86 4.24 -12.85 -10.71
CA VAL A 86 5.23 -11.89 -11.16
C VAL A 86 6.16 -12.56 -12.16
N LEU A 87 6.54 -11.82 -13.19
CA LEU A 87 7.55 -12.21 -14.15
C LEU A 87 8.89 -11.61 -13.73
N LYS A 88 9.95 -12.38 -13.87
CA LYS A 88 11.30 -11.91 -13.60
C LYS A 88 12.10 -12.01 -14.89
N LEU A 89 12.50 -10.85 -15.41
CA LEU A 89 13.28 -10.78 -16.65
C LEU A 89 14.73 -10.49 -16.30
N LYS A 90 15.62 -11.41 -16.61
CA LYS A 90 17.04 -11.16 -16.45
C LYS A 90 17.52 -10.27 -17.58
N VAL A 91 18.27 -9.23 -17.24
CA VAL A 91 18.80 -8.31 -18.25
C VAL A 91 20.32 -8.31 -18.16
N ASP A 92 20.97 -7.81 -19.21
CA ASP A 92 22.42 -7.87 -19.29
C ASP A 92 23.14 -6.76 -18.53
N THR A 93 22.41 -5.81 -17.96
CA THR A 93 22.98 -4.68 -17.24
C THR A 93 22.40 -4.63 -15.84
N ALA A 94 23.26 -4.49 -14.84
CA ALA A 94 22.80 -4.24 -13.49
C ALA A 94 22.44 -2.78 -13.33
N ASN A 95 21.33 -2.51 -12.64
CA ASN A 95 20.91 -1.12 -12.45
C ASN A 95 21.95 -0.40 -11.60
N PRO A 96 22.62 0.63 -12.13
CA PRO A 96 23.61 1.34 -11.32
C PRO A 96 23.02 2.11 -10.17
N LYS A 97 21.70 2.32 -10.17
CA LYS A 97 21.01 3.02 -9.09
C LYS A 97 20.24 2.07 -8.19
N THR A 98 20.60 0.79 -8.18
CA THR A 98 19.93 -0.17 -7.30
C THR A 98 20.10 0.28 -5.85
N PRO A 99 19.02 0.50 -5.11
CA PRO A 99 19.14 0.80 -3.68
C PRO A 99 19.35 -0.47 -2.87
N LYS A 100 19.80 -0.30 -1.64
CA LYS A 100 19.64 -1.38 -0.68
C LYS A 100 18.15 -1.62 -0.51
N TYR A 101 17.73 -2.89 -0.52
CA TYR A 101 16.30 -3.16 -0.52
C TYR A 101 15.99 -4.50 0.13
N LYS A 102 14.73 -4.63 0.51
CA LYS A 102 14.14 -5.89 0.95
C LYS A 102 12.77 -6.03 0.29
N PHE A 103 12.35 -7.28 0.12
CA PHE A 103 10.99 -7.61 -0.26
C PHE A 103 10.26 -8.03 1.01
N VAL A 104 9.20 -7.31 1.36
CA VAL A 104 8.43 -7.62 2.56
C VAL A 104 6.97 -7.79 2.18
N ARG A 105 6.27 -8.62 2.94
CA ARG A 105 4.82 -8.74 2.83
C ARG A 105 4.21 -8.08 4.06
N ILE A 106 3.35 -7.08 3.84
CA ILE A 106 2.78 -6.36 4.97
C ILE A 106 1.45 -6.97 5.39
N GLN A 107 0.97 -6.58 6.58
CA GLN A 107 -0.28 -6.95 7.21
C GLN A 107 -1.36 -5.92 6.92
N PRO A 108 -2.64 -6.32 6.93
CA PRO A 108 -3.71 -5.33 6.84
C PRO A 108 -3.59 -4.30 7.96
N GLY A 109 -3.89 -3.05 7.62
CA GLY A 109 -3.73 -1.94 8.53
C GLY A 109 -2.41 -1.21 8.40
N GLN A 110 -1.41 -1.84 7.80
CA GLN A 110 -0.13 -1.19 7.62
C GLN A 110 -0.16 -0.30 6.38
N THR A 111 0.76 0.66 6.35
CA THR A 111 0.77 1.70 5.35
C THR A 111 2.03 1.63 4.51
N PHE A 112 1.98 2.27 3.34
CA PHE A 112 3.13 2.34 2.45
C PHE A 112 2.89 3.45 1.44
N SER A 113 3.97 3.88 0.80
CA SER A 113 3.92 4.87 -0.27
C SER A 113 3.83 4.19 -1.62
N VAL A 114 3.04 4.78 -2.53
CA VAL A 114 2.91 4.31 -3.91
C VAL A 114 3.54 5.32 -4.84
N LEU A 115 4.40 4.85 -5.74
CA LEU A 115 4.91 5.67 -6.83
C LEU A 115 4.18 5.23 -8.10
N ALA A 116 3.15 5.99 -8.47
CA ALA A 116 2.40 5.70 -9.68
C ALA A 116 3.23 6.07 -10.91
N CYS A 117 3.33 5.13 -11.85
CA CYS A 117 4.16 5.28 -13.04
C CYS A 117 3.40 4.92 -14.29
N TYR A 118 3.78 5.56 -15.39
CA TYR A 118 3.30 5.24 -16.74
C TYR A 118 4.48 5.29 -17.69
N ASN A 119 4.51 4.35 -18.64
CA ASN A 119 5.59 4.30 -19.64
C ASN A 119 6.97 4.17 -18.98
N GLY A 120 7.01 3.50 -17.82
CA GLY A 120 8.25 3.39 -17.08
C GLY A 120 8.76 4.67 -16.46
N SER A 121 7.91 5.68 -16.30
CA SER A 121 8.33 6.97 -15.77
CA SER A 121 8.33 6.96 -15.76
C SER A 121 7.46 7.36 -14.60
N PRO A 122 8.04 7.95 -13.55
CA PRO A 122 7.25 8.31 -12.36
C PRO A 122 6.33 9.49 -12.62
N SER A 123 5.11 9.39 -12.11
CA SER A 123 4.10 10.44 -12.29
CA SER A 123 4.09 10.43 -12.29
C SER A 123 3.61 11.06 -10.99
N GLY A 124 3.49 10.27 -9.91
CA GLY A 124 3.00 10.83 -8.67
C GLY A 124 3.24 9.88 -7.51
N VAL A 125 3.20 10.45 -6.31
CA VAL A 125 3.42 9.68 -5.08
C VAL A 125 2.31 9.97 -4.09
N TYR A 126 1.81 8.93 -3.42
CA TYR A 126 0.79 9.10 -2.40
C TYR A 126 0.86 7.95 -1.42
N GLN A 127 0.24 8.15 -0.26
CA GLN A 127 0.28 7.20 0.84
C GLN A 127 -0.97 6.34 0.85
N CYS A 128 -0.78 5.04 1.08
CA CYS A 128 -1.87 4.07 1.09
C CYS A 128 -1.82 3.26 2.37
N ALA A 129 -2.96 2.66 2.71
CA ALA A 129 -3.02 1.63 3.74
C ALA A 129 -3.55 0.35 3.11
N MET A 130 -3.00 -0.78 3.52
CA MET A 130 -3.60 -2.07 3.16
C MET A 130 -4.88 -2.21 3.97
N ARG A 131 -6.03 -2.18 3.30
CA ARG A 131 -7.31 -2.22 4.00
C ARG A 131 -7.55 -3.60 4.60
N PRO A 132 -8.44 -3.69 5.60
CA PRO A 132 -8.78 -5.01 6.14
C PRO A 132 -9.34 -5.97 5.11
N ASN A 133 -9.91 -5.47 4.01
CA ASN A 133 -10.37 -6.33 2.92
C ASN A 133 -9.30 -6.60 1.87
N PHE A 134 -8.05 -6.23 2.16
CA PHE A 134 -6.89 -6.53 1.31
C PHE A 134 -6.93 -5.82 -0.04
N THR A 135 -7.59 -4.66 -0.09
CA THR A 135 -7.49 -3.74 -1.20
C THR A 135 -6.75 -2.49 -0.74
N ILE A 136 -6.36 -1.67 -1.71
CA ILE A 136 -5.88 -0.33 -1.39
C ILE A 136 -6.70 0.68 -2.18
N LYS A 137 -6.83 1.88 -1.61
CA LYS A 137 -7.52 2.97 -2.30
C LYS A 137 -6.47 3.74 -3.07
N GLY A 138 -6.20 3.27 -4.29
CA GLY A 138 -5.20 3.88 -5.13
C GLY A 138 -5.78 4.85 -6.14
N SER A 139 -4.88 5.37 -6.98
CA SER A 139 -5.22 6.16 -8.15
C SER A 139 -4.39 5.59 -9.28
N PHE A 140 -5.01 4.78 -10.12
CA PHE A 140 -4.31 4.01 -11.15
C PHE A 140 -5.12 4.00 -12.44
N LEU A 141 -4.46 4.23 -13.56
CA LEU A 141 -5.06 4.20 -14.87
C LEU A 141 -4.44 3.07 -15.70
N ASN A 142 -4.94 2.89 -16.93
CA ASN A 142 -4.33 1.95 -17.84
CA ASN A 142 -4.32 1.92 -17.80
C ASN A 142 -2.85 2.27 -18.00
N GLY A 143 -2.01 1.23 -17.95
CA GLY A 143 -0.58 1.40 -18.04
C GLY A 143 0.14 1.58 -16.71
N SER A 144 -0.59 1.62 -15.60
CA SER A 144 0.04 1.81 -14.30
C SER A 144 0.54 0.52 -13.67
N CYS A 145 0.17 -0.64 -14.21
CA CYS A 145 0.57 -1.88 -13.58
C CYS A 145 2.09 -1.97 -13.53
N GLY A 146 2.59 -2.61 -12.48
CA GLY A 146 4.01 -2.61 -12.23
C GLY A 146 4.49 -1.48 -11.35
N SER A 147 3.67 -0.43 -11.16
CA SER A 147 3.95 0.55 -10.12
C SER A 147 4.04 -0.16 -8.77
N VAL A 148 4.90 0.35 -7.88
CA VAL A 148 5.15 -0.35 -6.63
C VAL A 148 4.80 0.50 -5.43
N GLY A 149 4.58 -0.19 -4.31
CA GLY A 149 4.45 0.42 -3.01
C GLY A 149 5.64 0.03 -2.14
N PHE A 150 6.01 0.93 -1.23
CA PHE A 150 7.25 0.75 -0.49
C PHE A 150 7.24 1.56 0.81
N ASN A 151 8.11 1.16 1.72
CA ASN A 151 8.52 1.93 2.88
C ASN A 151 10.04 2.10 2.84
N ILE A 152 10.55 3.11 3.54
CA ILE A 152 11.99 3.32 3.63
C ILE A 152 12.41 3.25 5.09
N ASP A 153 13.47 2.51 5.37
CA ASP A 153 14.13 2.52 6.66
C ASP A 153 15.58 2.93 6.44
N TYR A 154 15.95 4.11 6.91
CA TYR A 154 17.29 4.63 6.71
C TYR A 154 17.57 4.78 5.21
N ASP A 155 18.41 3.90 4.67
CA ASP A 155 18.69 3.85 3.24
C ASP A 155 18.14 2.59 2.59
N CYS A 156 17.32 1.81 3.29
CA CYS A 156 16.84 0.52 2.81
C CYS A 156 15.39 0.61 2.38
N VAL A 157 15.12 0.30 1.11
CA VAL A 157 13.77 0.36 0.56
C VAL A 157 13.11 -0.99 0.73
N SER A 158 12.01 -1.04 1.49
CA SER A 158 11.24 -2.26 1.65
C SER A 158 10.07 -2.22 0.67
N PHE A 159 10.18 -2.99 -0.41
CA PHE A 159 9.10 -3.09 -1.39
C PHE A 159 8.05 -4.06 -0.90
N CYS A 160 6.79 -3.63 -0.91
CA CYS A 160 5.72 -4.46 -0.38
C CYS A 160 4.54 -4.64 -1.32
N TYR A 161 4.43 -3.88 -2.41
CA TYR A 161 3.27 -3.95 -3.28
C TYR A 161 3.69 -3.75 -4.72
N MET A 162 3.08 -4.51 -5.63
CA MET A 162 3.14 -4.26 -7.08
C MET A 162 1.71 -4.25 -7.61
N HIS A 163 1.39 -3.27 -8.45
CA HIS A 163 0.01 -3.07 -8.85
C HIS A 163 -0.39 -3.95 -10.04
N HIS A 164 -1.55 -4.62 -9.92
CA HIS A 164 -2.06 -5.49 -10.98
C HIS A 164 -3.46 -5.14 -11.48
N MET A 165 -4.41 -4.81 -10.60
CA MET A 165 -5.77 -4.74 -11.12
C MET A 165 -6.65 -3.80 -10.33
N GLU A 166 -7.76 -3.43 -10.96
CA GLU A 166 -8.78 -2.57 -10.37
C GLU A 166 -10.10 -3.33 -10.28
N LEU A 167 -10.72 -3.27 -9.13
CA LEU A 167 -11.99 -3.87 -8.76
C LEU A 167 -13.15 -2.91 -9.05
N PRO A 168 -14.39 -3.41 -9.10
CA PRO A 168 -15.50 -2.57 -9.59
C PRO A 168 -15.72 -1.28 -8.82
N THR A 169 -15.41 -1.23 -7.54
CA THR A 169 -15.66 -0.02 -6.75
C THR A 169 -14.55 1.02 -6.87
N GLY A 170 -13.62 0.87 -7.81
CA GLY A 170 -12.54 1.82 -7.95
C GLY A 170 -11.44 1.68 -6.93
N VAL A 171 -11.27 0.50 -6.33
CA VAL A 171 -10.16 0.21 -5.45
C VAL A 171 -9.30 -0.86 -6.13
N HIS A 172 -8.17 -1.17 -5.51
CA HIS A 172 -7.09 -1.82 -6.26
C HIS A 172 -6.52 -3.02 -5.51
N ALA A 173 -6.02 -3.98 -6.29
CA ALA A 173 -5.44 -5.20 -5.77
C ALA A 173 -4.11 -5.48 -6.46
N GLY A 174 -3.22 -6.12 -5.72
CA GLY A 174 -1.92 -6.42 -6.25
C GLY A 174 -1.21 -7.45 -5.40
N THR A 175 0.08 -7.60 -5.66
CA THR A 175 0.89 -8.66 -5.07
C THR A 175 2.02 -8.06 -4.24
N ASP A 176 2.64 -8.91 -3.42
CA ASP A 176 3.97 -8.58 -2.94
C ASP A 176 4.97 -8.82 -4.07
N LEU A 177 6.25 -8.59 -3.79
CA LEU A 177 7.25 -8.70 -4.84
C LEU A 177 7.70 -10.14 -5.09
N GLU A 178 7.15 -11.09 -4.34
CA GLU A 178 7.24 -12.50 -4.69
C GLU A 178 6.06 -12.95 -5.54
N GLY A 179 5.18 -12.04 -5.93
CA GLY A 179 4.08 -12.37 -6.83
C GLY A 179 2.84 -12.95 -6.16
N ASN A 180 2.75 -12.94 -4.84
CA ASN A 180 1.59 -13.47 -4.14
C ASN A 180 0.61 -12.33 -3.88
N PHE A 181 -0.62 -12.48 -4.37
CA PHE A 181 -1.64 -11.46 -4.17
C PHE A 181 -1.94 -11.27 -2.69
N TYR A 182 -2.21 -10.02 -2.33
CA TYR A 182 -2.85 -9.74 -1.05
C TYR A 182 -4.34 -10.07 -1.17
N GLY A 183 -4.86 -10.81 -0.19
CA GLY A 183 -6.25 -11.17 -0.18
C GLY A 183 -6.58 -12.29 -1.15
N PRO A 184 -7.87 -12.48 -1.42
CA PRO A 184 -8.29 -13.62 -2.24
C PRO A 184 -8.28 -13.34 -3.72
N PHE A 185 -7.61 -12.27 -4.15
CA PHE A 185 -7.70 -11.81 -5.53
C PHE A 185 -6.70 -12.53 -6.41
N VAL A 186 -7.03 -12.59 -7.71
CA VAL A 186 -6.24 -13.30 -8.71
C VAL A 186 -6.25 -12.50 -10.00
N ASP A 187 -5.23 -12.71 -10.83
CA ASP A 187 -5.14 -12.03 -12.12
C ASP A 187 -5.89 -12.81 -13.20
N ARG A 188 -7.19 -12.98 -12.94
CA ARG A 188 -8.12 -13.62 -13.86
C ARG A 188 -9.44 -12.86 -13.86
N GLN A 189 -10.15 -12.91 -15.00
CA GLN A 189 -11.48 -12.33 -15.12
C GLN A 189 -12.53 -13.21 -14.44
N THR A 190 -12.60 -13.09 -13.12
CA THR A 190 -13.66 -13.66 -12.32
C THR A 190 -14.34 -12.55 -11.54
N ALA A 191 -15.52 -12.87 -10.98
CA ALA A 191 -16.38 -11.87 -10.37
C ALA A 191 -15.87 -11.49 -8.98
N GLN A 192 -14.69 -10.89 -8.97
CA GLN A 192 -14.07 -10.46 -7.72
C GLN A 192 -14.54 -9.06 -7.35
N ALA A 193 -14.60 -8.82 -6.05
CA ALA A 193 -14.99 -7.50 -5.55
C ALA A 193 -14.41 -7.33 -4.16
N ALA A 194 -14.22 -6.06 -3.77
CA ALA A 194 -13.81 -5.76 -2.42
C ALA A 194 -14.97 -5.99 -1.45
N GLY A 195 -14.69 -6.63 -0.33
CA GLY A 195 -15.70 -6.78 0.69
C GLY A 195 -15.94 -5.47 1.41
N THR A 196 -16.73 -5.55 2.48
CA THR A 196 -16.92 -4.40 3.35
C THR A 196 -15.57 -3.95 3.90
N ASP A 197 -15.36 -2.64 3.89
CA ASP A 197 -14.08 -2.06 4.33
C ASP A 197 -14.23 -1.56 5.76
N THR A 198 -13.73 -2.34 6.71
CA THR A 198 -13.80 -1.99 8.11
C THR A 198 -12.82 -0.87 8.45
N THR A 199 -13.19 -0.04 9.43
CA THR A 199 -12.31 1.03 9.88
C THR A 199 -11.22 0.46 10.80
N ILE A 200 -9.99 0.89 10.58
CA ILE A 200 -8.82 0.35 11.29
C ILE A 200 -8.72 1.06 12.64
N THR A 201 -9.30 0.43 13.67
CA THR A 201 -9.49 1.07 14.97
C THR A 201 -8.16 1.54 15.57
N VAL A 202 -7.15 0.66 15.55
CA VAL A 202 -5.87 1.00 16.17
C VAL A 202 -5.27 2.22 15.50
N ASN A 203 -5.52 2.40 14.20
CA ASN A 203 -5.01 3.56 13.49
C ASN A 203 -5.77 4.82 13.86
N VAL A 204 -7.10 4.73 14.01
CA VAL A 204 -7.86 5.89 14.48
C VAL A 204 -7.34 6.34 15.85
N LEU A 205 -7.11 5.40 16.76
CA LEU A 205 -6.58 5.77 18.05
C LEU A 205 -5.21 6.41 17.92
N ALA A 206 -4.35 5.87 17.05
CA ALA A 206 -3.05 6.49 16.82
C ALA A 206 -3.21 7.94 16.35
N TRP A 207 -4.16 8.16 15.45
CA TRP A 207 -4.40 9.51 14.94
C TRP A 207 -4.91 10.45 16.04
N LEU A 208 -5.75 9.93 16.95
CA LEU A 208 -6.17 10.75 18.10
C LEU A 208 -4.98 11.12 18.98
N TYR A 209 -4.04 10.19 19.15
CA TYR A 209 -2.81 10.54 19.86
C TYR A 209 -2.02 11.61 19.11
N ALA A 210 -1.98 11.52 17.78
CA ALA A 210 -1.35 12.58 17.00
C ALA A 210 -2.02 13.91 17.27
N ALA A 211 -3.36 13.91 17.36
CA ALA A 211 -4.09 15.15 17.65
C ALA A 211 -3.69 15.73 19.01
N VAL A 212 -3.57 14.88 20.03
CA VAL A 212 -3.17 15.34 21.35
C VAL A 212 -1.76 15.93 21.30
N ILE A 213 -0.84 15.27 20.59
CA ILE A 213 0.52 15.79 20.42
C ILE A 213 0.49 17.17 19.77
N ASN A 214 -0.47 17.40 18.88
CA ASN A 214 -0.59 18.66 18.15
C ASN A 214 -1.48 19.68 18.86
N GLY A 215 -1.91 19.40 20.09
CA GLY A 215 -2.65 20.38 20.88
C GLY A 215 -4.16 20.29 20.80
N ASP A 216 -4.70 19.33 20.06
CA ASP A 216 -6.14 19.07 20.02
C ASP A 216 -6.49 18.12 21.15
N ARG A 217 -7.13 18.63 22.20
CA ARG A 217 -7.42 17.83 23.39
C ARG A 217 -8.88 17.91 23.81
N TRP A 218 -9.75 18.54 23.01
CA TRP A 218 -11.12 18.80 23.46
C TRP A 218 -11.91 17.51 23.63
N PHE A 219 -11.56 16.45 22.90
CA PHE A 219 -12.30 15.19 22.93
C PHE A 219 -11.91 14.29 24.09
N LEU A 220 -10.90 14.66 24.87
CA LEU A 220 -10.50 13.87 26.03
C LEU A 220 -11.49 14.04 27.17
N ASN A 221 -11.64 13.01 27.99
CA ASN A 221 -12.53 13.06 29.14
C ASN A 221 -11.90 12.27 30.28
N ARG A 222 -12.42 12.48 31.49
CA ARG A 222 -11.82 11.93 32.71
C ARG A 222 -12.36 10.57 33.09
N PHE A 223 -13.14 9.92 32.22
CA PHE A 223 -13.76 8.64 32.52
C PHE A 223 -13.24 7.58 31.57
N THR A 224 -12.87 6.43 32.12
CA THR A 224 -12.29 5.35 31.34
C THR A 224 -13.36 4.33 30.99
N THR A 225 -13.06 3.52 29.99
CA THR A 225 -13.94 2.43 29.58
C THR A 225 -13.19 1.11 29.69
N THR A 226 -13.89 0.01 29.41
CA THR A 226 -13.26 -1.30 29.31
C THR A 226 -13.13 -1.70 27.84
N LEU A 227 -12.20 -2.62 27.59
CA LEU A 227 -12.02 -3.11 26.23
C LEU A 227 -13.30 -3.75 25.71
N ASN A 228 -13.95 -4.56 26.55
CA ASN A 228 -15.22 -5.17 26.15
C ASN A 228 -16.29 -4.10 25.89
N ASP A 229 -16.40 -3.11 26.78
CA ASP A 229 -17.39 -2.05 26.59
C ASP A 229 -17.11 -1.26 25.32
N PHE A 230 -15.85 -0.94 25.06
CA PHE A 230 -15.52 -0.21 23.84
C PHE A 230 -15.91 -1.01 22.60
N ASN A 231 -15.59 -2.31 22.60
CA ASN A 231 -15.81 -3.12 21.41
C ASN A 231 -17.30 -3.31 21.13
N LEU A 232 -18.13 -3.30 22.17
CA LEU A 232 -19.58 -3.31 21.97
C LEU A 232 -19.99 -2.16 21.06
N VAL A 233 -19.44 -0.97 21.30
CA VAL A 233 -19.70 0.18 20.46
C VAL A 233 -18.96 0.05 19.12
N ALA A 234 -17.78 -0.55 19.12
CA ALA A 234 -16.99 -0.65 17.89
C ALA A 234 -17.68 -1.51 16.84
N MET A 235 -18.38 -2.57 17.25
CA MET A 235 -19.07 -3.42 16.29
C MET A 235 -20.08 -2.63 15.48
N LYS A 236 -20.91 -1.83 16.15
CA LYS A 236 -21.65 -0.82 15.41
C LYS A 236 -20.65 0.25 14.96
N TYR A 237 -21.01 1.00 13.93
CA TYR A 237 -20.15 1.96 13.25
C TYR A 237 -19.03 1.29 12.47
N ASN A 238 -18.94 -0.04 12.46
CA ASN A 238 -18.09 -0.80 11.54
C ASN A 238 -16.60 -0.56 11.81
N TYR A 239 -16.24 -0.60 13.09
CA TYR A 239 -14.84 -0.54 13.52
C TYR A 239 -14.35 -1.94 13.86
N GLU A 240 -13.07 -2.19 13.56
CA GLU A 240 -12.46 -3.44 13.96
C GLU A 240 -12.49 -3.58 15.48
N PRO A 241 -12.82 -4.76 16.00
CA PRO A 241 -12.67 -4.99 17.44
C PRO A 241 -11.24 -4.73 17.86
N LEU A 242 -11.08 -4.01 18.97
CA LEU A 242 -9.75 -3.69 19.47
C LEU A 242 -9.22 -4.88 20.27
N THR A 243 -8.04 -5.37 19.90
CA THR A 243 -7.44 -6.51 20.56
C THR A 243 -6.38 -6.06 21.56
N GLN A 244 -5.93 -7.00 22.39
CA GLN A 244 -4.84 -6.69 23.31
C GLN A 244 -3.56 -6.36 22.56
N ASP A 245 -3.32 -7.02 21.43
CA ASP A 245 -2.16 -6.67 20.60
C ASP A 245 -2.25 -5.23 20.10
N HIS A 246 -3.45 -4.78 19.72
CA HIS A 246 -3.62 -3.39 19.30
C HIS A 246 -3.37 -2.43 20.45
N VAL A 247 -3.90 -2.76 21.63
CA VAL A 247 -3.62 -1.95 22.82
C VAL A 247 -2.11 -1.88 23.05
N ASP A 248 -1.42 -3.02 22.88
CA ASP A 248 0.02 -3.09 23.10
C ASP A 248 0.76 -2.09 22.22
N ILE A 249 0.46 -2.06 20.93
CA ILE A 249 1.26 -1.22 20.03
C ILE A 249 0.92 0.26 20.16
N LEU A 250 -0.16 0.60 20.87
CA LEU A 250 -0.41 2.00 21.22
C LEU A 250 0.33 2.44 22.47
N GLY A 251 1.05 1.53 23.13
CA GLY A 251 1.73 1.84 24.37
C GLY A 251 2.67 3.01 24.31
N PRO A 252 3.60 3.02 23.33
CA PRO A 252 4.53 4.16 23.26
C PRO A 252 3.85 5.51 23.14
N LEU A 253 2.78 5.63 22.35
CA LEU A 253 2.07 6.90 22.26
C LEU A 253 1.34 7.22 23.55
N SER A 254 0.81 6.20 24.24
CA SER A 254 0.16 6.44 25.52
C SER A 254 1.15 6.97 26.55
N ALA A 255 2.35 6.39 26.60
CA ALA A 255 3.36 6.85 27.54
C ALA A 255 3.80 8.28 27.21
N GLN A 256 3.97 8.58 25.93
CA GLN A 256 4.44 9.90 25.52
C GLN A 256 3.45 10.99 25.91
N THR A 257 2.15 10.74 25.73
CA THR A 257 1.13 11.76 25.94
C THR A 257 0.57 11.78 27.35
N GLY A 258 0.74 10.69 28.11
CA GLY A 258 0.10 10.60 29.42
C GLY A 258 -1.35 10.18 29.38
N ILE A 259 -1.88 9.81 28.22
CA ILE A 259 -3.27 9.41 28.08
C ILE A 259 -3.31 7.89 27.97
N ALA A 260 -3.94 7.24 28.95
CA ALA A 260 -4.08 5.78 28.92
C ALA A 260 -4.88 5.35 27.71
N VAL A 261 -4.52 4.17 27.17
CA VAL A 261 -5.17 3.68 25.96
C VAL A 261 -6.68 3.55 26.17
N LEU A 262 -7.10 3.02 27.32
CA LEU A 262 -8.53 2.87 27.58
C LEU A 262 -9.21 4.22 27.81
N ASP A 263 -8.46 5.25 28.22
CA ASP A 263 -9.02 6.60 28.23
C ASP A 263 -9.25 7.12 26.81
N MET A 264 -8.29 6.87 25.91
CA MET A 264 -8.50 7.24 24.51
C MET A 264 -9.63 6.43 23.89
N CYS A 265 -9.78 5.17 24.27
CA CYS A 265 -10.94 4.39 23.82
C CYS A 265 -12.24 5.02 24.28
N ALA A 266 -12.27 5.50 25.52
CA ALA A 266 -13.47 6.19 26.02
C ALA A 266 -13.74 7.44 25.20
N SER A 267 -12.69 8.19 24.85
CA SER A 267 -12.87 9.36 24.01
C SER A 267 -13.41 8.98 22.63
N LEU A 268 -12.83 7.94 22.02
CA LEU A 268 -13.31 7.50 20.72
C LEU A 268 -14.74 6.99 20.79
N LYS A 269 -15.08 6.26 21.86
CA LYS A 269 -16.44 5.75 22.03
C LYS A 269 -17.45 6.91 22.07
N GLU A 270 -17.12 7.97 22.81
CA GLU A 270 -17.99 9.14 22.85
C GLU A 270 -18.13 9.77 21.47
N LEU A 271 -17.02 9.87 20.73
CA LEU A 271 -17.06 10.45 19.40
C LEU A 271 -17.95 9.64 18.46
N LEU A 272 -17.88 8.31 18.55
CA LEU A 272 -18.72 7.48 17.69
C LEU A 272 -20.18 7.63 18.05
N GLN A 273 -20.51 7.59 19.33
CA GLN A 273 -21.91 7.56 19.75
C GLN A 273 -22.58 8.91 19.49
N ASN A 274 -21.91 10.00 19.85
CA ASN A 274 -22.51 11.33 19.76
C ASN A 274 -22.13 12.09 18.50
N GLY A 275 -21.19 11.58 17.69
CA GLY A 275 -20.77 12.25 16.48
C GLY A 275 -19.87 13.44 16.77
N MET A 276 -19.27 13.97 15.71
CA MET A 276 -18.45 15.16 15.82
C MET A 276 -19.29 16.40 15.52
N ASN A 277 -19.22 17.39 16.40
CA ASN A 277 -20.12 18.53 16.35
C ASN A 277 -19.75 19.47 15.21
N GLY A 278 -19.82 18.97 13.96
CA GLY A 278 -19.22 19.66 12.84
C GLY A 278 -17.79 20.03 13.14
N ARG A 279 -17.22 19.35 14.14
CA ARG A 279 -15.99 19.75 14.79
C ARG A 279 -14.80 19.12 14.09
N THR A 280 -13.65 19.77 14.20
CA THR A 280 -12.44 19.29 13.56
C THR A 280 -11.49 18.71 14.58
N ILE A 281 -10.85 17.62 14.20
CA ILE A 281 -9.67 17.10 14.89
C ILE A 281 -8.55 17.11 13.86
N LEU A 282 -7.46 17.82 14.18
CA LEU A 282 -6.37 18.03 13.23
C LEU A 282 -6.88 18.63 11.91
N GLY A 283 -7.93 19.43 12.00
CA GLY A 283 -8.50 20.08 10.84
C GLY A 283 -9.46 19.25 10.03
N SER A 284 -9.69 17.99 10.40
CA SER A 284 -10.55 17.09 9.67
C SER A 284 -11.86 16.87 10.43
N ALA A 285 -12.97 16.91 9.70
CA ALA A 285 -14.27 16.58 10.27
C ALA A 285 -14.51 15.08 10.32
N LEU A 286 -13.60 14.29 9.78
CA LEU A 286 -13.69 12.83 9.79
C LEU A 286 -12.52 12.25 10.57
N LEU A 287 -12.76 11.08 11.15
CA LEU A 287 -11.68 10.35 11.82
C LEU A 287 -10.85 9.60 10.78
N GLU A 288 -9.53 9.75 10.86
CA GLU A 288 -8.59 9.18 9.89
C GLU A 288 -8.04 7.86 10.40
N ASP A 289 -8.00 6.85 9.52
CA ASP A 289 -7.50 5.53 9.91
C ASP A 289 -6.35 5.04 9.05
N GLU A 290 -5.68 5.93 8.30
CA GLU A 290 -4.56 5.48 7.47
C GLU A 290 -3.21 5.96 8.00
N PHE A 291 -3.09 6.12 9.33
CA PHE A 291 -1.82 6.30 10.01
C PHE A 291 -1.64 5.20 11.05
N THR A 292 -0.54 4.48 10.99
CA THR A 292 -0.19 3.52 12.03
C THR A 292 0.43 4.23 13.23
N PRO A 293 0.52 3.55 14.38
CA PRO A 293 1.26 4.14 15.50
C PRO A 293 2.69 4.52 15.15
N PHE A 294 3.37 3.72 14.33
CA PHE A 294 4.72 4.08 13.90
C PHE A 294 4.70 5.32 13.00
N ASP A 295 3.70 5.43 12.13
CA ASP A 295 3.59 6.61 11.28
C ASP A 295 3.48 7.87 12.12
N VAL A 296 2.71 7.82 13.20
CA VAL A 296 2.52 9.00 14.04
C VAL A 296 3.83 9.40 14.69
N VAL A 297 4.56 8.43 15.25
CA VAL A 297 5.84 8.73 15.91
C VAL A 297 6.83 9.28 14.88
N ARG A 298 6.86 8.70 13.69
CA ARG A 298 7.78 9.19 12.66
C ARG A 298 7.48 10.64 12.30
N GLN A 299 6.22 10.95 12.02
CA GLN A 299 5.89 12.31 11.57
C GLN A 299 6.01 13.34 12.69
N CYS A 300 5.76 12.94 13.94
CA CYS A 300 5.81 13.88 15.05
C CYS A 300 7.20 14.05 15.66
N SER A 301 8.00 13.00 15.69
CA SER A 301 9.33 13.13 16.29
C SER A 301 10.44 12.54 15.44
N GLY A 302 10.18 11.41 14.77
CA GLY A 302 11.24 10.68 14.12
C GLY A 302 11.90 11.40 12.96
N VAL A 303 11.13 12.19 12.19
CA VAL A 303 11.71 12.80 10.99
C VAL A 303 12.81 13.78 11.34
N THR A 304 12.81 14.35 12.55
CA THR A 304 13.86 15.31 12.93
C THR A 304 15.21 14.60 13.05
O1 BOC B 1 -11.08 -7.46 -14.73
C BOC B 1 -11.09 -6.66 -13.82
O2 BOC B 1 -11.76 -6.78 -12.67
CT BOC B 1 -12.45 -8.03 -12.26
C1 BOC B 1 -13.54 -8.33 -13.26
C2 BOC B 1 -13.02 -7.73 -10.90
C3 BOC B 1 -11.43 -9.15 -12.20
N TBG B 2 -10.41 -5.50 -13.83
CA TBG B 2 -9.64 -5.10 -14.99
CB TBG B 2 -10.17 -3.77 -15.60
CG1 TBG B 2 -10.07 -2.63 -14.59
CG2 TBG B 2 -9.36 -3.41 -16.85
CG3 TBG B 2 -11.64 -3.92 -16.00
C TBG B 2 -8.14 -5.08 -14.68
O TBG B 2 -7.73 -4.46 -13.70
N PHE B 3 -7.35 -5.79 -15.48
CA PHE B 3 -5.90 -5.69 -15.40
C PHE B 3 -5.40 -4.35 -15.92
OAD ELL B 4 -5.68 -0.09 -12.01
CD2 ELL B 4 -6.14 -0.05 -13.15
NAH ELL B 4 -7.04 0.82 -13.60
CAE ELL B 4 -7.54 0.51 -14.93
CD1 ELL B 4 -6.41 -0.33 -15.50
CG ELL B 4 -5.81 -1.01 -14.28
CB ELL B 4 -4.31 -1.33 -14.39
CA ELL B 4 -4.00 -2.37 -15.47
N ELL B 4 -4.59 -3.66 -15.11
C ELL B 4 -2.50 -2.53 -15.65
O ELL B 4 -1.89 -1.35 -16.15
#